data_9CS8
#
_entry.id   9CS8
#
_cell.length_a   38.937
_cell.length_b   78.057
_cell.length_c   64.266
_cell.angle_alpha   90.000
_cell.angle_beta   90.125
_cell.angle_gamma   90.000
#
_symmetry.space_group_name_H-M   'P 1 21 1'
#
loop_
_entity.id
_entity.type
_entity.pdbx_description
1 polymer 'Serine protease'
2 water water
#
_entity_poly.entity_id   1
_entity_poly.type   'polypeptide(L)'
_entity_poly.pdbx_seq_one_letter_code
;SNAERLAAWTRLPWEGLRYSYNRERRGTAARSCPQLEADVALKAETQPSEIPLERQLILEACREAERFGFLHELSIAIVE
MERLNKRPEAEVEEIAKLWQ
;
_entity_poly.pdbx_strand_id   A,B,C,D
#
# COMPACT_ATOMS: atom_id res chain seq x y z
N SER A 1 -20.21 1.56 -6.86
CA SER A 1 -19.84 0.16 -6.66
C SER A 1 -18.54 0.05 -5.87
N ASN A 2 -18.05 -1.18 -5.72
CA ASN A 2 -16.78 -1.38 -5.04
C ASN A 2 -15.60 -0.83 -5.81
N ALA A 3 -15.76 -0.51 -7.10
CA ALA A 3 -14.67 0.14 -7.84
C ALA A 3 -14.38 1.54 -7.31
N GLU A 4 -15.42 2.35 -7.13
CA GLU A 4 -15.21 3.69 -6.59
C GLU A 4 -14.72 3.65 -5.15
N ARG A 5 -15.19 2.69 -4.37
CA ARG A 5 -14.73 2.54 -2.99
C ARG A 5 -13.25 2.17 -2.94
N LEU A 6 -12.86 1.17 -3.72
CA LEU A 6 -11.46 0.74 -3.76
C LEU A 6 -10.58 1.87 -4.25
N ALA A 7 -11.00 2.55 -5.30
CA ALA A 7 -10.21 3.66 -5.82
C ALA A 7 -10.12 4.74 -4.75
N ALA A 8 -11.18 4.88 -3.96
CA ALA A 8 -11.22 5.86 -2.87
C ALA A 8 -10.31 5.46 -1.70
N TRP A 9 -10.13 4.16 -1.46
CA TRP A 9 -9.40 3.71 -0.28
C TRP A 9 -7.88 3.74 -0.47
N THR A 10 -7.40 3.36 -1.65
CA THR A 10 -5.97 3.18 -1.91
C THR A 10 -5.13 4.46 -1.83
N ARG A 11 -3.90 4.29 -1.34
CA ARG A 11 -2.85 5.29 -1.33
C ARG A 11 -1.70 4.96 -2.26
N LEU A 12 -1.80 3.89 -3.04
CA LEU A 12 -0.70 3.49 -3.91
C LEU A 12 -0.48 4.55 -4.99
N PRO A 13 0.76 4.82 -5.37
CA PRO A 13 0.99 5.65 -6.57
C PRO A 13 0.63 4.86 -7.81
N TRP A 14 0.25 5.59 -8.87
CA TRP A 14 -0.06 4.92 -10.13
C TRP A 14 1.11 4.09 -10.67
N GLU A 15 2.35 4.60 -10.53
CA GLU A 15 3.52 3.87 -11.02
C GLU A 15 3.64 2.48 -10.41
N GLY A 16 3.21 2.32 -9.16
CA GLY A 16 3.21 1.03 -8.52
C GLY A 16 1.89 0.33 -8.75
N LEU A 17 0.79 1.06 -8.61
CA LEU A 17 -0.53 0.45 -8.72
C LEU A 17 -0.75 -0.13 -10.12
N ARG A 18 -0.13 0.46 -11.14
CA ARG A 18 -0.25 -0.06 -12.50
C ARG A 18 0.20 -1.52 -12.62
N TYR A 19 1.16 -1.96 -11.78
CA TYR A 19 1.66 -3.34 -11.88
C TYR A 19 0.61 -4.39 -11.54
N SER A 20 -0.17 -4.19 -10.47
CA SER A 20 -1.19 -5.19 -10.14
C SER A 20 -2.28 -5.22 -11.22
N TYR A 21 -2.71 -4.04 -11.68
CA TYR A 21 -3.69 -3.99 -12.74
C TYR A 21 -3.19 -4.75 -13.94
N ASN A 22 -1.94 -4.50 -14.34
CA ASN A 22 -1.41 -5.19 -15.51
C ASN A 22 -1.35 -6.68 -15.23
N ARG A 23 -1.07 -7.05 -13.97
CA ARG A 23 -0.96 -8.45 -13.60
C ARG A 23 -2.32 -9.14 -13.58
N GLU A 24 -3.35 -8.45 -13.10
CA GLU A 24 -4.66 -9.08 -12.92
C GLU A 24 -5.53 -9.02 -14.16
N ARG A 25 -5.11 -8.31 -15.21
CA ARG A 25 -5.89 -8.22 -16.43
C ARG A 25 -5.62 -9.39 -17.38
N ARG A 26 -4.76 -10.33 -17.01
CA ARG A 26 -4.40 -11.43 -17.91
C ARG A 26 -5.64 -12.23 -18.29
N GLY A 27 -5.77 -12.53 -19.58
CA GLY A 27 -6.88 -13.31 -20.07
C GLY A 27 -8.12 -12.53 -20.40
N THR A 28 -8.15 -11.24 -20.11
CA THR A 28 -9.31 -10.41 -20.38
C THR A 28 -9.02 -9.46 -21.54
N ALA A 29 -10.09 -8.86 -22.06
CA ALA A 29 -9.97 -7.87 -23.12
C ALA A 29 -9.86 -6.46 -22.56
N ALA A 30 -9.46 -6.33 -21.30
CA ALA A 30 -9.31 -5.03 -20.67
C ALA A 30 -8.19 -4.23 -21.31
N ARG A 31 -8.30 -2.91 -21.21
CA ARG A 31 -7.29 -2.02 -21.77
C ARG A 31 -5.95 -2.23 -21.08
N SER A 32 -4.87 -2.10 -21.85
CA SER A 32 -3.54 -2.13 -21.27
C SER A 32 -3.27 -0.83 -20.51
N CYS A 33 -2.14 -0.81 -19.79
CA CYS A 33 -1.76 0.40 -19.07
C CYS A 33 -1.54 1.58 -20.01
N PRO A 34 -0.80 1.46 -21.13
CA PRO A 34 -0.68 2.62 -22.03
C PRO A 34 -2.00 3.05 -22.63
N GLN A 35 -2.89 2.09 -22.94
CA GLN A 35 -4.21 2.45 -23.45
C GLN A 35 -5.00 3.23 -22.39
N LEU A 36 -4.96 2.76 -21.14
CA LEU A 36 -5.59 3.49 -20.06
C LEU A 36 -4.96 4.87 -19.89
N GLU A 37 -3.62 4.92 -19.89
CA GLU A 37 -2.93 6.19 -19.68
C GLU A 37 -3.24 7.19 -20.78
N ALA A 38 -3.28 6.71 -22.04
CA ALA A 38 -3.60 7.60 -23.14
C ALA A 38 -5.05 8.08 -23.08
N ASP A 39 -5.98 7.15 -22.79
CA ASP A 39 -7.39 7.49 -22.73
C ASP A 39 -7.65 8.51 -21.62
N VAL A 40 -7.13 8.24 -20.43
CA VAL A 40 -7.35 9.13 -19.28
C VAL A 40 -6.69 10.48 -19.50
N ALA A 41 -5.49 10.49 -20.08
CA ALA A 41 -4.82 11.77 -20.31
C ALA A 41 -5.64 12.67 -21.21
N LEU A 42 -6.22 12.12 -22.27
CA LEU A 42 -7.10 12.92 -23.13
C LEU A 42 -8.37 13.36 -22.39
N LYS A 43 -9.03 12.42 -21.69
CA LYS A 43 -10.24 12.77 -20.94
C LYS A 43 -9.96 13.84 -19.89
N ALA A 44 -8.75 13.88 -19.33
CA ALA A 44 -8.43 14.91 -18.35
C ALA A 44 -8.31 16.28 -19.00
N GLU A 45 -7.73 16.33 -20.20
CA GLU A 45 -7.49 17.60 -20.88
C GLU A 45 -8.71 18.10 -21.64
N THR A 46 -9.69 17.23 -21.90
CA THR A 46 -10.95 17.68 -22.48
C THR A 46 -11.87 18.32 -21.45
N GLN A 47 -11.66 18.04 -20.17
CA GLN A 47 -12.37 18.70 -19.07
C GLN A 47 -11.33 19.06 -18.01
N PRO A 48 -10.55 20.11 -18.24
CA PRO A 48 -9.50 20.47 -17.27
C PRO A 48 -10.10 20.88 -15.94
N SER A 49 -9.41 20.53 -14.86
CA SER A 49 -9.89 20.78 -13.51
C SER A 49 -8.70 20.76 -12.56
N GLU A 50 -8.99 20.78 -11.27
CA GLU A 50 -7.97 20.61 -10.24
C GLU A 50 -7.88 19.17 -9.75
N ILE A 51 -8.67 18.26 -10.31
CA ILE A 51 -8.61 16.86 -9.93
C ILE A 51 -7.30 16.28 -10.46
N PRO A 52 -6.45 15.74 -9.59
CA PRO A 52 -5.18 15.16 -10.04
C PRO A 52 -5.37 14.01 -11.02
N LEU A 53 -4.51 13.99 -12.06
CA LEU A 53 -4.60 12.96 -13.08
C LEU A 53 -4.40 11.58 -12.47
N GLU A 54 -3.60 11.48 -11.41
CA GLU A 54 -3.40 10.19 -10.75
C GLU A 54 -4.70 9.64 -10.20
N ARG A 55 -5.55 10.51 -9.66
CA ARG A 55 -6.84 10.04 -9.15
C ARG A 55 -7.74 9.54 -10.28
N GLN A 56 -7.73 10.22 -11.43
CA GLN A 56 -8.55 9.78 -12.56
C GLN A 56 -8.02 8.47 -13.13
N LEU A 57 -6.70 8.32 -13.21
CA LEU A 57 -6.11 7.07 -13.69
C LEU A 57 -6.51 5.89 -12.82
N ILE A 58 -6.36 6.05 -11.49
CA ILE A 58 -6.67 4.95 -10.56
C ILE A 58 -8.13 4.58 -10.62
N LEU A 59 -9.02 5.58 -10.68
CA LEU A 59 -10.45 5.29 -10.76
C LEU A 59 -10.80 4.59 -12.06
N GLU A 60 -10.22 5.04 -13.18
CA GLU A 60 -10.45 4.37 -14.45
C GLU A 60 -9.97 2.92 -14.43
N ALA A 61 -8.85 2.66 -13.76
CA ALA A 61 -8.33 1.29 -13.71
C ALA A 61 -9.25 0.40 -12.90
N CYS A 62 -9.76 0.91 -11.77
CA CYS A 62 -10.67 0.12 -10.95
C CYS A 62 -11.98 -0.14 -11.68
N ARG A 63 -12.50 0.85 -12.41
CA ARG A 63 -13.71 0.65 -13.19
C ARG A 63 -13.50 -0.41 -14.28
N GLU A 64 -12.37 -0.34 -14.98
CA GLU A 64 -12.10 -1.32 -16.03
C GLU A 64 -12.00 -2.73 -15.46
N ALA A 65 -11.39 -2.86 -14.27
CA ALA A 65 -11.36 -4.16 -13.61
C ALA A 65 -12.77 -4.65 -13.31
N GLU A 66 -13.66 -3.75 -12.90
CA GLU A 66 -15.04 -4.15 -12.62
C GLU A 66 -15.78 -4.57 -13.89
N ARG A 67 -15.59 -3.85 -15.00
CA ARG A 67 -16.30 -4.19 -16.23
C ARG A 67 -15.89 -5.56 -16.75
N PHE A 68 -14.61 -5.91 -16.63
CA PHE A 68 -14.09 -7.14 -17.20
C PHE A 68 -13.88 -8.23 -16.14
N GLY A 69 -14.38 -8.01 -14.93
CA GLY A 69 -14.52 -9.10 -13.98
C GLY A 69 -13.31 -9.52 -13.19
N PHE A 70 -12.36 -8.63 -12.95
CA PHE A 70 -11.24 -9.00 -12.09
C PHE A 70 -11.02 -7.95 -11.00
N LEU A 71 -12.09 -7.26 -10.60
CA LEU A 71 -11.99 -6.27 -9.54
C LEU A 71 -11.67 -6.91 -8.20
N HIS A 72 -12.26 -8.08 -7.92
CA HIS A 72 -11.97 -8.78 -6.66
C HIS A 72 -10.51 -9.18 -6.59
N GLU A 73 -9.97 -9.72 -7.68
CA GLU A 73 -8.55 -10.06 -7.70
C GLU A 73 -7.68 -8.82 -7.57
N LEU A 74 -8.12 -7.70 -8.14
CA LEU A 74 -7.36 -6.46 -8.05
C LEU A 74 -7.41 -5.90 -6.63
N SER A 75 -8.56 -6.03 -5.95
CA SER A 75 -8.67 -5.55 -4.58
C SER A 75 -7.71 -6.32 -3.66
N ILE A 76 -7.65 -7.64 -3.81
CA ILE A 76 -6.71 -8.44 -3.03
C ILE A 76 -5.27 -8.00 -3.31
N ALA A 77 -4.94 -7.77 -4.58
CA ALA A 77 -3.59 -7.36 -4.94
C ALA A 77 -3.24 -5.99 -4.37
N ILE A 78 -4.17 -5.04 -4.43
CA ILE A 78 -3.91 -3.70 -3.91
C ILE A 78 -3.69 -3.75 -2.40
N VAL A 79 -4.49 -4.54 -1.69
CA VAL A 79 -4.35 -4.65 -0.24
C VAL A 79 -3.00 -5.26 0.10
N GLU A 80 -2.54 -6.21 -0.73
CA GLU A 80 -1.21 -6.79 -0.55
C GLU A 80 -0.12 -5.73 -0.63
N MET A 81 -0.20 -4.86 -1.65
CA MET A 81 0.80 -3.81 -1.80
C MET A 81 0.75 -2.80 -0.65
N GLU A 82 -0.45 -2.41 -0.25
CA GLU A 82 -0.60 -1.47 0.87
C GLU A 82 -0.02 -2.05 2.15
N ARG A 83 -0.28 -3.33 2.41
CA ARG A 83 0.29 -3.99 3.57
C ARG A 83 1.82 -4.04 3.49
N LEU A 84 2.37 -4.14 2.28
CA LEU A 84 3.83 -4.06 2.14
C LEU A 84 4.34 -2.68 2.48
N ASN A 85 3.53 -1.65 2.26
CA ASN A 85 3.84 -0.29 2.69
C ASN A 85 3.42 -0.03 4.13
N LYS A 86 3.01 -1.07 4.87
CA LYS A 86 2.62 -0.96 6.27
C LYS A 86 1.42 -0.03 6.45
N ARG A 87 0.52 -0.03 5.48
CA ARG A 87 -0.78 0.59 5.68
C ARG A 87 -1.43 0.01 6.94
N PRO A 88 -1.89 0.85 7.86
CA PRO A 88 -2.42 0.34 9.13
C PRO A 88 -3.59 -0.61 8.94
N GLU A 89 -3.64 -1.63 9.80
CA GLU A 89 -4.71 -2.62 9.71
C GLU A 89 -6.07 -1.99 9.95
N ALA A 90 -6.13 -0.94 10.77
CA ALA A 90 -7.38 -0.22 10.99
C ALA A 90 -7.91 0.36 9.70
N GLU A 91 -7.03 0.80 8.80
CA GLU A 91 -7.46 1.32 7.51
C GLU A 91 -7.74 0.21 6.52
N VAL A 92 -7.00 -0.90 6.60
CA VAL A 92 -7.31 -2.09 5.81
C VAL A 92 -8.70 -2.61 6.16
N GLU A 93 -9.11 -2.44 7.41
CA GLU A 93 -10.44 -2.86 7.84
C GLU A 93 -11.53 -2.12 7.06
N GLU A 94 -11.31 -0.84 6.75
CA GLU A 94 -12.33 -0.07 6.03
C GLU A 94 -12.59 -0.67 4.65
N ILE A 95 -11.54 -1.15 3.98
CA ILE A 95 -11.70 -1.78 2.68
C ILE A 95 -12.04 -3.26 2.80
N ALA A 96 -11.69 -3.90 3.91
CA ALA A 96 -12.00 -5.30 4.11
C ALA A 96 -13.49 -5.55 4.25
N LYS A 97 -14.30 -4.51 4.45
CA LYS A 97 -15.74 -4.68 4.55
C LYS A 97 -16.37 -4.97 3.18
N LEU A 98 -15.63 -4.76 2.09
CA LEU A 98 -16.11 -5.20 0.79
C LEU A 98 -16.12 -6.72 0.67
N TRP A 99 -15.28 -7.39 1.43
CA TRP A 99 -15.20 -8.85 1.38
C TRP A 99 -16.26 -9.52 2.24
N SER B 1 -24.43 21.28 11.12
CA SER B 1 -25.84 21.38 10.78
C SER B 1 -26.55 20.05 11.03
N ASN B 2 -27.84 19.97 10.68
CA ASN B 2 -28.54 18.69 10.82
C ASN B 2 -28.00 17.64 9.86
N ALA B 3 -27.26 18.03 8.83
CA ALA B 3 -26.62 17.06 7.96
C ALA B 3 -25.53 16.28 8.68
N GLU B 4 -24.65 16.99 9.39
CA GLU B 4 -23.59 16.35 10.16
C GLU B 4 -24.13 15.49 11.30
N ARG B 5 -25.22 15.94 11.93
CA ARG B 5 -25.81 15.15 13.01
C ARG B 5 -26.35 13.81 12.49
N LEU B 6 -27.12 13.85 11.42
CA LEU B 6 -27.66 12.62 10.86
C LEU B 6 -26.56 11.68 10.39
N ALA B 7 -25.56 12.23 9.68
CA ALA B 7 -24.46 11.39 9.20
C ALA B 7 -23.66 10.79 10.36
N ALA B 8 -23.49 11.55 11.44
CA ALA B 8 -22.78 11.05 12.61
C ALA B 8 -23.58 10.00 13.37
N TRP B 9 -24.91 10.12 13.35
CA TRP B 9 -25.77 9.28 14.17
C TRP B 9 -26.02 7.92 13.52
N THR B 10 -26.19 7.86 12.20
CA THR B 10 -26.57 6.61 11.58
C THR B 10 -25.46 5.59 11.76
N ARG B 11 -25.86 4.34 11.94
CA ARG B 11 -24.92 3.23 11.98
C ARG B 11 -25.08 2.34 10.76
N LEU B 12 -25.96 2.73 9.85
CA LEU B 12 -26.24 1.94 8.66
C LEU B 12 -25.00 1.90 7.77
N PRO B 13 -24.74 0.77 7.12
CA PRO B 13 -23.70 0.76 6.09
C PRO B 13 -24.11 1.54 4.85
N TRP B 14 -23.09 2.05 4.13
CA TRP B 14 -23.33 2.75 2.88
C TRP B 14 -24.10 1.88 1.89
N GLU B 15 -23.81 0.58 1.90
CA GLU B 15 -24.49 -0.35 1.00
C GLU B 15 -26.00 -0.28 1.15
N GLY B 16 -26.50 0.00 2.35
CA GLY B 16 -27.92 0.19 2.58
C GLY B 16 -28.39 1.62 2.46
N LEU B 17 -27.62 2.57 3.03
CA LEU B 17 -28.05 3.97 3.05
C LEU B 17 -28.19 4.56 1.65
N ARG B 18 -27.38 4.07 0.69
CA ARG B 18 -27.49 4.59 -0.67
C ARG B 18 -28.90 4.41 -1.23
N TYR B 19 -29.62 3.37 -0.80
CA TYR B 19 -30.97 3.15 -1.29
C TYR B 19 -31.91 4.26 -0.83
N SER B 20 -31.80 4.68 0.43
CA SER B 20 -32.66 5.75 0.93
C SER B 20 -32.34 7.08 0.26
N TYR B 21 -31.04 7.39 0.09
CA TYR B 21 -30.68 8.61 -0.61
C TYR B 21 -31.22 8.57 -2.03
N ASN B 22 -31.03 7.45 -2.73
CA ASN B 22 -31.49 7.36 -4.11
C ASN B 22 -33.01 7.44 -4.18
N ARG B 23 -33.70 6.89 -3.18
CA ARG B 23 -35.17 6.93 -3.21
C ARG B 23 -35.67 8.35 -2.95
N GLU B 24 -35.05 9.06 -2.01
CA GLU B 24 -35.55 10.37 -1.64
C GLU B 24 -35.01 11.50 -2.51
N ARG B 25 -34.03 11.22 -3.37
CA ARG B 25 -33.49 12.26 -4.23
C ARG B 25 -34.30 12.43 -5.50
N ARG B 26 -35.37 11.64 -5.66
CA ARG B 26 -36.17 11.64 -6.88
C ARG B 26 -36.75 13.03 -7.16
N GLY B 27 -36.67 13.46 -8.42
CA GLY B 27 -37.23 14.73 -8.82
C GLY B 27 -36.33 15.93 -8.63
N THR B 28 -35.18 15.76 -8.01
CA THR B 28 -34.25 16.85 -7.77
C THR B 28 -33.05 16.69 -8.68
N ALA B 29 -32.26 17.75 -8.77
CA ALA B 29 -31.03 17.69 -9.54
C ALA B 29 -29.84 17.25 -8.72
N ALA B 30 -30.09 16.62 -7.58
CA ALA B 30 -28.99 16.14 -6.75
C ALA B 30 -28.24 15.04 -7.48
N ARG B 31 -26.98 14.89 -7.11
CA ARG B 31 -26.12 13.88 -7.70
C ARG B 31 -26.64 12.48 -7.39
N SER B 32 -26.47 11.59 -8.36
CA SER B 32 -26.78 10.19 -8.12
C SER B 32 -25.73 9.55 -7.20
N CYS B 33 -26.00 8.29 -6.80
CA CYS B 33 -25.06 7.57 -5.93
C CYS B 33 -23.71 7.35 -6.59
N PRO B 34 -23.60 6.93 -7.86
CA PRO B 34 -22.26 6.80 -8.45
C PRO B 34 -21.55 8.13 -8.55
N GLN B 35 -22.28 9.22 -8.81
CA GLN B 35 -21.65 10.55 -8.85
C GLN B 35 -21.10 10.92 -7.48
N LEU B 36 -21.84 10.67 -6.39
CA LEU B 36 -21.26 10.93 -5.07
C LEU B 36 -20.03 10.05 -4.87
N GLU B 37 -20.14 8.77 -5.21
CA GLU B 37 -19.03 7.85 -5.00
C GLU B 37 -17.84 8.25 -5.84
N ALA B 38 -18.08 8.65 -7.10
CA ALA B 38 -17.02 9.11 -7.98
C ALA B 38 -16.43 10.42 -7.48
N ASP B 39 -17.29 11.36 -7.10
CA ASP B 39 -16.83 12.67 -6.63
C ASP B 39 -15.97 12.51 -5.39
N VAL B 40 -16.46 11.73 -4.41
CA VAL B 40 -15.75 11.56 -3.16
C VAL B 40 -14.43 10.83 -3.40
N ALA B 41 -14.43 9.82 -4.26
CA ALA B 41 -13.18 9.10 -4.48
C ALA B 41 -12.06 10.01 -5.00
N LEU B 42 -12.34 10.89 -5.96
CA LEU B 42 -11.28 11.81 -6.35
C LEU B 42 -10.94 12.83 -5.26
N LYS B 43 -11.97 13.52 -4.76
CA LYS B 43 -11.86 14.53 -3.69
C LYS B 43 -11.37 14.05 -2.31
N ALA B 44 -11.64 12.79 -1.92
CA ALA B 44 -11.21 12.33 -0.58
C ALA B 44 -9.70 12.10 -0.38
N GLU B 45 -8.97 11.54 -1.34
CA GLU B 45 -7.57 11.23 -1.03
C GLU B 45 -6.61 12.38 -1.20
N THR B 46 -6.98 13.43 -1.92
CA THR B 46 -6.14 14.61 -1.98
C THR B 46 -6.31 15.46 -0.74
N ILE B 51 -10.22 8.97 8.95
CA ILE B 51 -11.66 9.08 8.77
C ILE B 51 -12.12 7.95 7.85
N PRO B 52 -13.03 7.11 8.33
CA PRO B 52 -13.52 6.00 7.50
C PRO B 52 -14.17 6.50 6.22
N LEU B 53 -13.85 5.81 5.12
CA LEU B 53 -14.41 6.21 3.82
C LEU B 53 -15.93 6.10 3.81
N GLU B 54 -16.48 5.14 4.53
CA GLU B 54 -17.93 4.99 4.61
C GLU B 54 -18.59 6.21 5.23
N ARG B 55 -17.95 6.79 6.24
CA ARG B 55 -18.45 7.99 6.89
C ARG B 55 -18.44 9.19 5.94
N GLN B 56 -17.41 9.30 5.10
CA GLN B 56 -17.36 10.42 4.16
C GLN B 56 -18.46 10.29 3.11
N LEU B 57 -18.72 9.07 2.65
CA LEU B 57 -19.81 8.84 1.70
C LEU B 57 -21.14 9.28 2.30
N ILE B 58 -21.42 8.82 3.52
CA ILE B 58 -22.69 9.12 4.18
C ILE B 58 -22.85 10.61 4.42
N LEU B 59 -21.78 11.28 4.87
CA LEU B 59 -21.85 12.71 5.11
C LEU B 59 -22.11 13.50 3.84
N GLU B 60 -21.43 13.16 2.73
CA GLU B 60 -21.72 13.86 1.47
C GLU B 60 -23.16 13.65 1.04
N ALA B 61 -23.71 12.44 1.25
CA ALA B 61 -25.09 12.20 0.83
C ALA B 61 -26.05 13.01 1.69
N CYS B 62 -25.80 13.09 3.00
CA CYS B 62 -26.65 13.87 3.87
C CYS B 62 -26.52 15.37 3.55
N ARG B 63 -25.30 15.82 3.25
CA ARG B 63 -25.12 17.22 2.85
C ARG B 63 -25.86 17.50 1.54
N GLU B 64 -25.76 16.57 0.58
CA GLU B 64 -26.45 16.75 -0.70
C GLU B 64 -27.96 16.81 -0.52
N ALA B 65 -28.49 15.98 0.39
CA ALA B 65 -29.92 16.05 0.69
C ALA B 65 -30.32 17.42 1.22
N GLU B 66 -29.47 18.02 2.05
CA GLU B 66 -29.77 19.35 2.58
C GLU B 66 -29.72 20.41 1.49
N ARG B 67 -28.77 20.29 0.56
CA ARG B 67 -28.65 21.29 -0.50
C ARG B 67 -29.90 21.33 -1.37
N PHE B 68 -30.50 20.18 -1.63
CA PHE B 68 -31.65 20.10 -2.52
C PHE B 68 -32.96 19.91 -1.77
N GLY B 69 -32.94 20.04 -0.43
CA GLY B 69 -34.16 20.21 0.32
C GLY B 69 -34.94 18.96 0.65
N PHE B 70 -34.28 17.80 0.76
CA PHE B 70 -34.95 16.59 1.18
C PHE B 70 -34.20 15.89 2.32
N LEU B 71 -33.49 16.67 3.15
CA LEU B 71 -32.79 16.08 4.29
C LEU B 71 -33.78 15.51 5.30
N HIS B 72 -34.89 16.19 5.53
CA HIS B 72 -35.91 15.69 6.46
C HIS B 72 -36.48 14.37 5.96
N GLU B 73 -36.79 14.29 4.67
CA GLU B 73 -37.29 13.04 4.10
C GLU B 73 -36.25 11.92 4.19
N LEU B 74 -34.97 12.26 4.02
CA LEU B 74 -33.93 11.25 4.11
C LEU B 74 -33.75 10.77 5.54
N SER B 75 -33.87 11.68 6.51
CA SER B 75 -33.76 11.29 7.91
C SER B 75 -34.88 10.32 8.30
N ILE B 76 -36.11 10.61 7.87
CA ILE B 76 -37.21 9.70 8.12
C ILE B 76 -36.94 8.35 7.49
N ALA B 77 -36.45 8.36 6.24
CA ALA B 77 -36.17 7.09 5.55
C ALA B 77 -35.05 6.33 6.26
N ILE B 78 -34.01 7.03 6.71
CA ILE B 78 -32.91 6.38 7.40
C ILE B 78 -33.39 5.80 8.73
N VAL B 79 -34.23 6.55 9.45
CA VAL B 79 -34.75 6.09 10.73
C VAL B 79 -35.61 4.84 10.54
N GLU B 80 -36.36 4.80 9.44
CA GLU B 80 -37.14 3.60 9.12
C GLU B 80 -36.25 2.37 8.96
N MET B 81 -35.16 2.48 8.22
CA MET B 81 -34.26 1.34 8.05
C MET B 81 -33.62 0.93 9.37
N GLU B 82 -33.19 1.90 10.17
CA GLU B 82 -32.57 1.60 11.46
C GLU B 82 -33.55 0.85 12.37
N ARG B 83 -34.82 1.28 12.39
CA ARG B 83 -35.81 0.57 13.19
C ARG B 83 -36.03 -0.85 12.68
N LEU B 84 -35.89 -1.08 11.37
CA LEU B 84 -35.96 -2.45 10.86
C LEU B 84 -34.77 -3.27 11.34
N ASN B 85 -33.62 -2.64 11.57
CA ASN B 85 -32.45 -3.28 12.19
C ASN B 85 -32.50 -3.28 13.69
N LYS B 86 -33.65 -2.92 14.28
CA LYS B 86 -33.84 -2.95 15.72
C LYS B 86 -32.89 -2.02 16.47
N ARG B 87 -32.53 -0.90 15.83
CA ARG B 87 -31.87 0.20 16.51
C ARG B 87 -32.71 0.60 17.73
N PRO B 88 -32.11 0.70 18.93
CA PRO B 88 -32.92 0.98 20.12
C PRO B 88 -33.66 2.29 19.98
N GLU B 89 -34.89 2.32 20.52
CA GLU B 89 -35.71 3.52 20.43
C GLU B 89 -35.07 4.68 21.19
N ALA B 90 -34.32 4.37 22.26
CA ALA B 90 -33.61 5.40 22.99
C ALA B 90 -32.60 6.12 22.11
N GLU B 91 -31.98 5.41 21.16
CA GLU B 91 -31.04 6.03 20.24
C GLU B 91 -31.75 6.75 19.11
N VAL B 92 -32.89 6.22 18.65
CA VAL B 92 -33.71 6.94 17.68
C VAL B 92 -34.16 8.27 18.28
N GLU B 93 -34.38 8.29 19.60
CA GLU B 93 -34.75 9.53 20.28
C GLU B 93 -33.67 10.60 20.15
N GLU B 94 -32.40 10.21 20.21
CA GLU B 94 -31.33 11.18 20.10
C GLU B 94 -31.34 11.91 18.76
N ILE B 95 -31.63 11.19 17.68
CA ILE B 95 -31.72 11.85 16.37
C ILE B 95 -33.11 12.42 16.08
N ALA B 96 -34.15 11.89 16.73
CA ALA B 96 -35.51 12.39 16.55
C ALA B 96 -35.71 13.80 17.11
N LYS B 97 -34.77 14.30 17.90
CA LYS B 97 -34.86 15.65 18.45
C LYS B 97 -34.62 16.73 17.42
N LEU B 98 -34.08 16.38 16.24
CA LEU B 98 -33.99 17.32 15.14
C LEU B 98 -35.36 17.66 14.56
N TRP B 99 -36.34 16.77 14.73
CA TRP B 99 -37.67 16.95 14.18
C TRP B 99 -38.50 17.84 15.09
N SER C 1 21.42 -22.07 -11.26
CA SER C 1 20.14 -22.37 -11.87
C SER C 1 19.55 -21.14 -12.55
N ASN C 2 18.32 -21.27 -13.06
CA ASN C 2 17.63 -20.13 -13.66
C ASN C 2 17.28 -19.04 -12.66
N ALA C 3 17.31 -19.34 -11.35
CA ALA C 3 17.09 -18.29 -10.36
C ALA C 3 18.22 -17.26 -10.40
N GLU C 4 19.47 -17.74 -10.39
CA GLU C 4 20.63 -16.86 -10.50
C GLU C 4 20.65 -16.17 -11.85
N ARG C 5 20.19 -16.88 -12.88
CA ARG C 5 20.14 -16.35 -14.24
C ARG C 5 19.18 -15.16 -14.33
N LEU C 6 17.97 -15.35 -13.81
CA LEU C 6 16.95 -14.30 -13.83
C LEU C 6 17.35 -13.05 -13.03
N ALA C 7 17.90 -13.25 -11.83
CA ALA C 7 18.28 -12.11 -10.99
C ALA C 7 19.35 -11.24 -11.63
N ALA C 8 20.27 -11.84 -12.39
CA ALA C 8 21.31 -11.07 -13.06
C ALA C 8 20.75 -10.26 -14.22
N TRP C 9 19.68 -10.75 -14.86
CA TRP C 9 19.15 -10.15 -16.07
C TRP C 9 18.24 -8.97 -15.77
N THR C 10 17.44 -9.04 -14.71
CA THR C 10 16.44 -8.02 -14.44
C THR C 10 17.09 -6.67 -14.12
N ARG C 11 16.43 -5.60 -14.55
CA ARG C 11 16.79 -4.23 -14.22
C ARG C 11 15.77 -3.57 -13.30
N LEU C 12 14.78 -4.33 -12.84
CA LEU C 12 13.74 -3.76 -11.99
C LEU C 12 14.35 -3.33 -10.66
N PRO C 13 13.89 -2.22 -10.09
CA PRO C 13 14.29 -1.91 -8.71
C PRO C 13 13.63 -2.89 -7.75
N TRP C 14 14.29 -3.08 -6.60
CA TRP C 14 13.73 -3.94 -5.57
C TRP C 14 12.33 -3.49 -5.18
N GLU C 15 12.12 -2.18 -5.14
CA GLU C 15 10.83 -1.60 -4.77
C GLU C 15 9.69 -2.11 -5.64
N GLY C 16 9.95 -2.41 -6.91
CA GLY C 16 8.96 -3.00 -7.77
C GLY C 16 8.92 -4.51 -7.78
N LEU C 17 10.10 -5.13 -7.83
CA LEU C 17 10.16 -6.58 -7.93
C LEU C 17 9.52 -7.27 -6.72
N ARG C 18 9.59 -6.64 -5.54
CA ARG C 18 8.97 -7.26 -4.36
C ARG C 18 7.49 -7.51 -4.59
N TYR C 19 6.83 -6.69 -5.39
CA TYR C 19 5.40 -6.87 -5.63
C TYR C 19 5.16 -8.16 -6.40
N SER C 20 5.98 -8.43 -7.42
CA SER C 20 5.81 -9.66 -8.19
C SER C 20 6.12 -10.88 -7.32
N TYR C 21 7.19 -10.83 -6.54
CA TYR C 21 7.49 -11.94 -5.65
C TYR C 21 6.35 -12.17 -4.66
N ASN C 22 5.87 -11.08 -4.04
CA ASN C 22 4.80 -11.21 -3.06
C ASN C 22 3.51 -11.71 -3.72
N ARG C 23 3.28 -11.32 -4.97
CA ARG C 23 2.05 -11.74 -5.65
C ARG C 23 2.11 -13.22 -6.01
N GLU C 24 3.28 -13.70 -6.44
CA GLU C 24 3.39 -15.07 -6.93
C GLU C 24 3.68 -16.09 -5.84
N ARG C 25 3.93 -15.66 -4.61
CA ARG C 25 4.19 -16.59 -3.52
C ARG C 25 2.93 -17.10 -2.85
N ARG C 26 1.75 -16.69 -3.33
CA ARG C 26 0.50 -17.05 -2.68
C ARG C 26 0.31 -18.56 -2.63
N GLY C 27 -0.11 -19.06 -1.47
CA GLY C 27 -0.37 -20.46 -1.24
C GLY C 27 0.82 -21.29 -0.80
N THR C 28 2.01 -20.73 -0.79
CA THR C 28 3.21 -21.45 -0.41
C THR C 28 3.71 -21.00 0.95
N ALA C 29 4.62 -21.78 1.53
CA ALA C 29 5.26 -21.44 2.79
C ALA C 29 6.55 -20.66 2.62
N ALA C 30 6.74 -20.03 1.46
CA ALA C 30 7.94 -19.25 1.21
C ALA C 30 7.97 -18.02 2.12
N ARG C 31 9.17 -17.52 2.38
CA ARG C 31 9.29 -16.34 3.24
C ARG C 31 8.61 -15.14 2.58
N SER C 32 8.01 -14.30 3.42
CA SER C 32 7.46 -13.04 2.98
C SER C 32 8.57 -12.07 2.64
N CYS C 33 8.18 -10.93 2.07
CA CYS C 33 9.17 -9.90 1.73
C CYS C 33 9.90 -9.35 2.95
N PRO C 34 9.25 -8.99 4.06
CA PRO C 34 10.02 -8.53 5.23
C PRO C 34 10.95 -9.60 5.78
N GLN C 35 10.51 -10.86 5.77
CA GLN C 35 11.37 -11.96 6.21
C GLN C 35 12.60 -12.10 5.32
N LEU C 36 12.41 -12.03 4.00
CA LEU C 36 13.55 -12.08 3.09
C LEU C 36 14.51 -10.93 3.38
N GLU C 37 13.97 -9.72 3.50
CA GLU C 37 14.79 -8.53 3.73
C GLU C 37 15.53 -8.61 5.07
N ALA C 38 14.85 -9.10 6.10
CA ALA C 38 15.47 -9.24 7.43
C ALA C 38 16.56 -10.30 7.43
N ASP C 39 16.32 -11.44 6.79
CA ASP C 39 17.32 -12.51 6.76
C ASP C 39 18.59 -12.03 6.09
N VAL C 40 18.44 -11.38 4.93
CA VAL C 40 19.63 -10.92 4.21
C VAL C 40 20.35 -9.85 5.01
N ALA C 41 19.61 -8.96 5.67
CA ALA C 41 20.27 -7.91 6.43
C ALA C 41 21.17 -8.45 7.53
N LEU C 42 20.73 -9.44 8.31
CA LEU C 42 21.66 -10.00 9.28
C LEU C 42 22.80 -10.76 8.61
N LYS C 43 22.45 -11.67 7.69
CA LYS C 43 23.43 -12.47 6.94
C LYS C 43 24.36 -11.66 6.03
N ALA C 44 23.92 -10.50 5.50
CA ALA C 44 24.79 -9.73 4.62
C ALA C 44 25.99 -9.07 5.28
N GLU C 45 25.83 -8.51 6.48
CA GLU C 45 27.01 -7.80 6.99
C GLU C 45 28.03 -8.69 7.71
N THR C 46 27.69 -9.92 8.10
CA THR C 46 28.73 -10.83 8.62
C THR C 46 29.62 -11.53 7.58
N ILE C 51 29.03 -6.79 -4.25
CA ILE C 51 27.72 -7.17 -4.78
C ILE C 51 26.66 -6.25 -4.19
N PRO C 52 25.94 -5.55 -5.07
CA PRO C 52 24.88 -4.63 -4.59
C PRO C 52 23.82 -5.35 -3.78
N LEU C 53 23.40 -4.71 -2.68
CA LEU C 53 22.39 -5.29 -1.82
C LEU C 53 21.09 -5.52 -2.57
N GLU C 54 20.77 -4.65 -3.53
CA GLU C 54 19.55 -4.84 -4.30
C GLU C 54 19.60 -6.14 -5.09
N ARG C 55 20.79 -6.46 -5.62
CA ARG C 55 20.97 -7.72 -6.34
C ARG C 55 20.86 -8.92 -5.41
N GLN C 56 21.38 -8.80 -4.18
CA GLN C 56 21.29 -9.89 -3.23
C GLN C 56 19.84 -10.11 -2.78
N LEU C 57 19.10 -9.02 -2.58
CA LEU C 57 17.68 -9.15 -2.24
C LEU C 57 16.95 -9.89 -3.35
N ILE C 58 17.17 -9.47 -4.59
CA ILE C 58 16.51 -10.06 -5.75
C ILE C 58 16.92 -11.52 -5.89
N LEU C 59 18.22 -11.80 -5.68
CA LEU C 59 18.70 -13.17 -5.78
C LEU C 59 18.07 -14.05 -4.70
N GLU C 60 17.97 -13.54 -3.47
CA GLU C 60 17.29 -14.31 -2.44
C GLU C 60 15.84 -14.59 -2.81
N ALA C 61 15.17 -13.61 -3.42
CA ALA C 61 13.77 -13.80 -3.81
C ALA C 61 13.64 -14.83 -4.92
N CYS C 62 14.54 -14.76 -5.91
CA CYS C 62 14.49 -15.74 -7.01
C CYS C 62 14.84 -17.14 -6.54
N ARG C 63 15.81 -17.27 -5.64
CA ARG C 63 16.13 -18.59 -5.09
C ARG C 63 14.95 -19.17 -4.31
N GLU C 64 14.30 -18.34 -3.50
CA GLU C 64 13.15 -18.81 -2.73
C GLU C 64 12.00 -19.25 -3.62
N ALA C 65 11.77 -18.53 -4.72
CA ALA C 65 10.75 -18.95 -5.68
C ALA C 65 11.05 -20.32 -6.26
N GLU C 66 12.32 -20.62 -6.54
CA GLU C 66 12.66 -21.94 -7.08
C GLU C 66 12.43 -23.04 -6.05
N ARG C 67 12.76 -22.78 -4.78
CA ARG C 67 12.60 -23.81 -3.75
C ARG C 67 11.13 -24.20 -3.58
N PHE C 68 10.23 -23.23 -3.67
CA PHE C 68 8.82 -23.48 -3.43
C PHE C 68 8.01 -23.52 -4.72
N GLY C 69 8.69 -23.56 -5.86
CA GLY C 69 8.06 -23.95 -7.12
C GLY C 69 7.28 -22.88 -7.84
N PHE C 70 7.62 -21.60 -7.67
CA PHE C 70 6.96 -20.57 -8.45
C PHE C 70 7.98 -19.64 -9.10
N LEU C 71 9.18 -20.14 -9.38
CA LEU C 71 10.20 -19.34 -10.04
C LEU C 71 9.82 -19.00 -11.48
N HIS C 72 9.25 -19.98 -12.20
CA HIS C 72 8.83 -19.73 -13.58
C HIS C 72 7.75 -18.65 -13.63
N GLU C 73 6.78 -18.73 -12.71
CA GLU C 73 5.74 -17.71 -12.63
C GLU C 73 6.34 -16.35 -12.32
N LEU C 74 7.39 -16.32 -11.51
CA LEU C 74 8.03 -15.05 -11.17
C LEU C 74 8.74 -14.49 -12.40
N SER C 75 9.34 -15.35 -13.21
CA SER C 75 9.99 -14.88 -14.43
C SER C 75 8.99 -14.26 -15.38
N ILE C 76 7.82 -14.90 -15.56
CA ILE C 76 6.75 -14.33 -16.38
C ILE C 76 6.30 -12.99 -15.81
N ALA C 77 6.13 -12.91 -14.49
CA ALA C 77 5.69 -11.68 -13.85
C ALA C 77 6.72 -10.57 -14.01
N ILE C 78 8.00 -10.90 -13.86
CA ILE C 78 9.06 -9.91 -14.01
C ILE C 78 9.09 -9.37 -15.43
N VAL C 79 8.91 -10.25 -16.42
CA VAL C 79 8.94 -9.82 -17.81
C VAL C 79 7.79 -8.87 -18.09
N GLU C 80 6.63 -9.10 -17.46
CA GLU C 80 5.52 -8.16 -17.60
C GLU C 80 5.91 -6.76 -17.14
N MET C 81 6.52 -6.67 -15.96
CA MET C 81 6.93 -5.36 -15.42
C MET C 81 8.00 -4.72 -16.29
N GLU C 82 8.99 -5.50 -16.73
CA GLU C 82 10.05 -4.95 -17.57
C GLU C 82 9.48 -4.40 -18.87
N ARG C 83 8.54 -5.12 -19.49
CA ARG C 83 7.90 -4.61 -20.69
C ARG C 83 7.10 -3.35 -20.41
N LEU C 84 6.52 -3.22 -19.21
CA LEU C 84 5.86 -1.98 -18.85
C LEU C 84 6.84 -0.84 -18.72
N ASN C 85 8.08 -1.12 -18.33
CA ASN C 85 9.15 -0.14 -18.33
C ASN C 85 9.85 -0.06 -19.68
N LYS C 86 9.28 -0.70 -20.70
CA LYS C 86 9.78 -0.66 -22.08
C LYS C 86 11.19 -1.24 -22.20
N ARG C 87 11.51 -2.25 -21.38
CA ARG C 87 12.70 -3.05 -21.62
C ARG C 87 12.68 -3.59 -23.05
N PRO C 88 13.74 -3.39 -23.84
CA PRO C 88 13.70 -3.82 -25.25
C PRO C 88 13.45 -5.31 -25.39
N GLU C 89 12.70 -5.66 -26.43
CA GLU C 89 12.37 -7.06 -26.68
C GLU C 89 13.60 -7.90 -26.98
N ALA C 90 14.64 -7.30 -27.58
CA ALA C 90 15.88 -8.03 -27.82
C ALA C 90 16.50 -8.53 -26.52
N GLU C 91 16.37 -7.76 -25.43
CA GLU C 91 16.88 -8.21 -24.15
C GLU C 91 15.93 -9.17 -23.48
N VAL C 92 14.62 -8.97 -23.68
CA VAL C 92 13.62 -9.93 -23.20
C VAL C 92 13.85 -11.29 -23.87
N GLU C 93 14.32 -11.28 -25.12
CA GLU C 93 14.63 -12.53 -25.79
C GLU C 93 15.70 -13.33 -25.05
N GLU C 94 16.69 -12.63 -24.49
CA GLU C 94 17.77 -13.32 -23.78
C GLU C 94 17.27 -14.10 -22.57
N ILE C 95 16.29 -13.54 -21.85
CA ILE C 95 15.73 -14.25 -20.70
C ILE C 95 14.62 -15.24 -21.07
N ALA C 96 13.94 -15.03 -22.20
CA ALA C 96 12.89 -15.95 -22.63
C ALA C 96 13.42 -17.33 -23.01
N LYS C 97 14.73 -17.49 -23.20
CA LYS C 97 15.30 -18.78 -23.54
C LYS C 97 15.31 -19.76 -22.37
N LEU C 98 15.10 -19.28 -21.14
CA LEU C 98 14.93 -20.18 -20.01
C LEU C 98 13.62 -20.96 -20.07
N TRP C 99 12.61 -20.43 -20.76
CA TRP C 99 11.31 -21.07 -20.84
C TRP C 99 11.29 -22.15 -21.93
N SER D 1 11.41 -3.37 3.85
CA SER D 1 11.28 -1.92 3.78
C SER D 1 12.66 -1.26 3.89
N ASN D 2 12.69 0.08 3.94
CA ASN D 2 13.96 0.78 4.11
C ASN D 2 14.64 0.58 5.46
N ALA D 3 13.92 0.09 6.48
CA ALA D 3 14.59 -0.23 7.75
C ALA D 3 15.56 -1.39 7.59
N GLU D 4 15.10 -2.47 6.96
CA GLU D 4 15.94 -3.63 6.69
C GLU D 4 17.08 -3.30 5.73
N ARG D 5 16.80 -2.42 4.77
CA ARG D 5 17.80 -2.01 3.80
C ARG D 5 18.95 -1.28 4.47
N LEU D 6 18.64 -0.29 5.33
CA LEU D 6 19.68 0.45 6.01
C LEU D 6 20.52 -0.45 6.92
N ALA D 7 19.88 -1.33 7.67
CA ALA D 7 20.61 -2.22 8.57
C ALA D 7 21.53 -3.16 7.79
N ALA D 8 21.12 -3.58 6.60
CA ALA D 8 21.95 -4.45 5.78
C ALA D 8 23.15 -3.71 5.20
N TRP D 9 23.00 -2.42 4.92
CA TRP D 9 24.05 -1.68 4.22
C TRP D 9 25.17 -1.23 5.17
N THR D 10 24.81 -0.79 6.37
CA THR D 10 25.79 -0.20 7.27
C THR D 10 26.82 -1.25 7.70
N ARG D 11 28.07 -0.80 7.82
CA ARG D 11 29.15 -1.60 8.40
C ARG D 11 29.62 -1.05 9.73
N LEU D 12 28.96 -0.01 10.24
CA LEU D 12 29.38 0.61 11.48
C LEU D 12 29.24 -0.38 12.63
N PRO D 13 30.16 -0.37 13.59
CA PRO D 13 29.94 -1.13 14.81
C PRO D 13 28.84 -0.52 15.66
N TRP D 14 28.20 -1.36 16.47
CA TRP D 14 27.17 -0.87 17.38
C TRP D 14 27.71 0.23 18.28
N GLU D 15 28.98 0.10 18.69
CA GLU D 15 29.61 1.08 19.55
C GLU D 15 29.56 2.48 18.96
N GLY D 16 29.63 2.60 17.63
CA GLY D 16 29.49 3.89 16.99
C GLY D 16 28.06 4.20 16.60
N LEU D 17 27.35 3.21 16.03
CA LEU D 17 26.01 3.43 15.53
C LEU D 17 25.04 3.82 16.64
N ARG D 18 25.26 3.32 17.86
CA ARG D 18 24.38 3.68 18.97
C ARG D 18 24.32 5.18 19.20
N TYR D 19 25.40 5.91 18.90
CA TYR D 19 25.40 7.35 19.10
C TYR D 19 24.39 8.04 18.18
N SER D 20 24.34 7.62 16.91
CA SER D 20 23.39 8.21 15.99
C SER D 20 21.96 7.89 16.38
N TYR D 21 21.69 6.63 16.76
CA TYR D 21 20.34 6.29 17.21
C TYR D 21 19.96 7.13 18.42
N ASN D 22 20.87 7.23 19.40
CA ASN D 22 20.57 7.99 20.61
C ASN D 22 20.41 9.46 20.27
N ARG D 23 21.18 9.97 19.30
CA ARG D 23 21.10 11.38 18.94
C ARG D 23 19.80 11.68 18.20
N GLU D 24 19.37 10.78 17.33
CA GLU D 24 18.22 11.01 16.46
C GLU D 24 16.90 10.62 17.11
N ARG D 25 16.94 10.00 18.29
CA ARG D 25 15.73 9.59 18.98
C ARG D 25 15.11 10.69 19.83
N ARG D 26 15.69 11.89 19.83
CA ARG D 26 15.20 12.97 20.68
C ARG D 26 13.75 13.31 20.37
N GLY D 27 12.94 13.46 21.42
CA GLY D 27 11.54 13.84 21.27
C GLY D 27 10.57 12.70 21.07
N THR D 28 11.04 11.47 20.91
CA THR D 28 10.15 10.35 20.67
C THR D 28 10.09 9.46 21.90
N ALA D 29 9.09 8.57 21.91
CA ALA D 29 8.95 7.58 22.97
C ALA D 29 9.69 6.29 22.64
N ALA D 30 10.64 6.36 21.71
CA ALA D 30 11.42 5.19 21.33
C ALA D 30 12.30 4.73 22.48
N ARG D 31 12.63 3.44 22.46
CA ARG D 31 13.46 2.87 23.51
C ARG D 31 14.85 3.50 23.50
N SER D 32 15.42 3.68 24.68
CA SER D 32 16.80 4.13 24.77
C SER D 32 17.74 3.00 24.36
N CYS D 33 19.03 3.34 24.25
CA CYS D 33 20.02 2.31 23.89
C CYS D 33 20.10 1.21 24.94
N PRO D 34 20.16 1.50 26.25
CA PRO D 34 20.14 0.38 27.22
C PRO D 34 18.84 -0.40 27.14
N GLN D 35 17.73 0.31 26.91
CA GLN D 35 16.46 -0.37 26.73
C GLN D 35 16.50 -1.24 25.48
N LEU D 36 17.07 -0.71 24.39
CA LEU D 36 17.27 -1.51 23.18
C LEU D 36 18.20 -2.70 23.39
N GLU D 37 19.35 -2.49 24.05
CA GLU D 37 20.35 -3.55 24.23
C GLU D 37 19.89 -4.75 25.06
N ALA D 38 19.17 -4.51 26.16
CA ALA D 38 18.70 -5.63 27.00
C ALA D 38 17.65 -6.47 26.28
N ASP D 39 16.71 -5.79 25.59
CA ASP D 39 15.63 -6.48 24.89
C ASP D 39 16.20 -7.40 23.82
N VAL D 40 17.14 -6.88 23.01
CA VAL D 40 17.72 -7.67 21.93
C VAL D 40 18.55 -8.81 22.50
N ALA D 41 19.29 -8.55 23.58
CA ALA D 41 20.11 -9.60 24.18
C ALA D 41 19.26 -10.78 24.65
N LEU D 42 18.12 -10.51 25.30
CA LEU D 42 17.23 -11.60 25.70
C LEU D 42 16.61 -12.32 24.50
N LYS D 43 16.10 -11.56 23.53
CA LYS D 43 15.53 -12.18 22.33
C LYS D 43 16.52 -13.06 21.58
N ALA D 44 17.81 -12.73 21.64
CA ALA D 44 18.82 -13.55 20.97
C ALA D 44 18.98 -14.90 21.68
N GLU D 45 18.93 -14.89 23.01
CA GLU D 45 19.17 -16.10 23.79
C GLU D 45 17.91 -16.95 23.91
N THR D 46 16.73 -16.39 23.62
CA THR D 46 15.52 -17.20 23.57
C THR D 46 15.41 -17.98 22.26
N GLN D 47 15.95 -17.45 21.16
CA GLN D 47 16.11 -18.20 19.91
C GLN D 47 17.61 -18.32 19.64
N PRO D 48 18.29 -19.25 20.31
CA PRO D 48 19.75 -19.37 20.13
C PRO D 48 20.08 -19.76 18.69
N SER D 49 20.90 -18.94 18.06
CA SER D 49 21.27 -19.12 16.66
C SER D 49 22.69 -18.63 16.46
N GLU D 50 23.13 -18.60 15.21
CA GLU D 50 24.45 -18.08 14.85
C GLU D 50 24.37 -16.69 14.26
N ILE D 51 23.25 -15.99 14.42
CA ILE D 51 23.16 -14.61 14.00
C ILE D 51 23.82 -13.76 15.08
N PRO D 52 24.86 -13.00 14.75
CA PRO D 52 25.51 -12.15 15.76
C PRO D 52 24.58 -11.13 16.39
N LEU D 53 24.72 -10.96 17.70
CA LEU D 53 23.87 -10.01 18.42
C LEU D 53 24.03 -8.60 17.89
N GLU D 54 25.24 -8.25 17.44
CA GLU D 54 25.45 -6.92 16.87
C GLU D 54 24.59 -6.72 15.64
N ARG D 55 24.43 -7.78 14.84
CA ARG D 55 23.59 -7.70 13.66
C ARG D 55 22.14 -7.51 14.06
N GLN D 56 21.71 -8.20 15.13
CA GLN D 56 20.35 -8.07 15.64
C GLN D 56 20.11 -6.70 16.25
N LEU D 57 21.12 -6.18 16.97
CA LEU D 57 21.02 -4.85 17.56
C LEU D 57 20.79 -3.77 16.50
N ILE D 58 21.60 -3.79 15.45
CA ILE D 58 21.49 -2.76 14.41
C ILE D 58 20.13 -2.84 13.71
N LEU D 59 19.67 -4.05 13.42
CA LEU D 59 18.37 -4.21 12.77
C LEU D 59 17.24 -3.74 13.68
N GLU D 60 17.30 -4.09 14.97
CA GLU D 60 16.30 -3.62 15.91
C GLU D 60 16.28 -2.10 16.02
N ALA D 61 17.46 -1.46 15.98
CA ALA D 61 17.51 -0.01 16.10
C ALA D 61 16.89 0.66 14.89
N CYS D 62 17.16 0.14 13.69
CA CYS D 62 16.57 0.70 12.48
C CYS D 62 15.06 0.50 12.46
N ARG D 63 14.57 -0.65 12.93
CA ARG D 63 13.14 -0.86 13.02
C ARG D 63 12.49 0.13 13.98
N GLU D 64 13.11 0.36 15.13
CA GLU D 64 12.56 1.29 16.10
C GLU D 64 12.51 2.71 15.55
N ALA D 65 13.54 3.11 14.79
CA ALA D 65 13.53 4.42 14.14
C ALA D 65 12.39 4.56 13.14
N GLU D 66 12.08 3.52 12.38
CA GLU D 66 10.97 3.62 11.43
C GLU D 66 9.63 3.73 12.14
N ARG D 67 9.45 2.98 13.23
CA ARG D 67 8.19 3.00 13.95
C ARG D 67 7.89 4.40 14.52
N PHE D 68 8.92 5.09 14.99
CA PHE D 68 8.74 6.37 15.64
C PHE D 68 9.12 7.54 14.74
N GLY D 69 9.35 7.29 13.46
CA GLY D 69 9.39 8.33 12.46
C GLY D 69 10.67 9.11 12.32
N PHE D 70 11.82 8.53 12.66
CA PHE D 70 13.08 9.21 12.44
C PHE D 70 14.08 8.29 11.71
N LEU D 71 13.56 7.37 10.91
CA LEU D 71 14.45 6.49 10.14
C LEU D 71 15.23 7.26 9.09
N HIS D 72 14.58 8.22 8.41
CA HIS D 72 15.29 9.02 7.41
C HIS D 72 16.39 9.84 8.06
N GLU D 73 16.10 10.45 9.22
CA GLU D 73 17.12 11.20 9.93
C GLU D 73 18.25 10.28 10.39
N LEU D 74 17.90 9.05 10.77
CA LEU D 74 18.92 8.09 11.19
C LEU D 74 19.76 7.66 9.99
N SER D 75 19.11 7.51 8.83
CA SER D 75 19.83 7.15 7.61
C SER D 75 20.82 8.22 7.22
N ILE D 76 20.41 9.49 7.31
CA ILE D 76 21.33 10.60 7.03
C ILE D 76 22.51 10.57 7.99
N ALA D 77 22.23 10.33 9.28
CA ALA D 77 23.30 10.29 10.27
C ALA D 77 24.24 9.11 10.02
N ILE D 78 23.69 7.94 9.69
CA ILE D 78 24.53 6.78 9.42
C ILE D 78 25.40 7.02 8.18
N VAL D 79 24.82 7.61 7.14
CA VAL D 79 25.59 7.87 5.93
C VAL D 79 26.69 8.87 6.22
N GLU D 80 26.39 9.85 7.08
CA GLU D 80 27.40 10.80 7.52
C GLU D 80 28.57 10.09 8.22
N MET D 81 28.25 9.19 9.15
CA MET D 81 29.30 8.47 9.86
C MET D 81 30.11 7.58 8.94
N GLU D 82 29.45 6.86 8.04
CA GLU D 82 30.17 6.00 7.10
C GLU D 82 31.10 6.82 6.22
N ARG D 83 30.64 7.97 5.74
CA ARG D 83 31.49 8.84 4.95
C ARG D 83 32.67 9.35 5.77
N LEU D 84 32.49 9.55 7.07
CA LEU D 84 33.62 9.91 7.93
C LEU D 84 34.59 8.75 8.05
N ASN D 85 34.10 7.51 7.94
CA ASN D 85 34.92 6.31 7.88
C ASN D 85 35.36 5.99 6.46
N LYS D 86 35.15 6.92 5.52
CA LYS D 86 35.57 6.77 4.12
C LYS D 86 34.90 5.58 3.43
N ARG D 87 33.66 5.27 3.81
CA ARG D 87 32.85 4.35 3.03
C ARG D 87 32.79 4.82 1.58
N PRO D 88 33.10 3.97 0.60
CA PRO D 88 33.15 4.41 -0.80
C PRO D 88 31.83 4.99 -1.30
N GLU D 89 31.93 6.02 -2.14
CA GLU D 89 30.74 6.67 -2.68
C GLU D 89 29.93 5.73 -3.57
N ALA D 90 30.59 4.77 -4.22
CA ALA D 90 29.87 3.78 -5.03
C ALA D 90 28.91 2.96 -4.17
N GLU D 91 29.28 2.69 -2.92
CA GLU D 91 28.44 1.97 -1.98
C GLU D 91 27.40 2.87 -1.36
N VAL D 92 27.75 4.15 -1.14
CA VAL D 92 26.77 5.14 -0.69
C VAL D 92 25.63 5.27 -1.70
N GLU D 93 25.94 5.08 -2.98
CA GLU D 93 24.89 5.13 -4.00
C GLU D 93 23.82 4.06 -3.77
N GLU D 94 24.22 2.87 -3.32
CA GLU D 94 23.25 1.80 -3.09
C GLU D 94 22.23 2.18 -2.03
N ILE D 95 22.67 2.85 -0.96
CA ILE D 95 21.72 3.29 0.06
C ILE D 95 21.09 4.63 -0.28
N ALA D 96 21.76 5.45 -1.10
CA ALA D 96 21.21 6.73 -1.52
C ALA D 96 20.02 6.58 -2.45
N LYS D 97 19.77 5.38 -2.99
CA LYS D 97 18.62 5.19 -3.86
C LYS D 97 17.31 5.18 -3.08
N LEU D 98 17.37 5.05 -1.76
CA LEU D 98 16.17 5.22 -0.95
C LEU D 98 15.72 6.68 -0.92
N TRP D 99 16.64 7.62 -1.14
CA TRP D 99 16.30 9.04 -1.12
C TRP D 99 15.73 9.47 -2.46
#